data_9EWT
#
_entry.id   9EWT
#
_cell.length_a   83.421
_cell.length_b   99.845
_cell.length_c   85.196
_cell.angle_alpha   90.00
_cell.angle_beta   114.08
_cell.angle_gamma   90.00
#
_symmetry.space_group_name_H-M   'C 1 2 1'
#
loop_
_entity.id
_entity.type
_entity.pdbx_description
1 polymer 'Epidermal growth factor receptor'
2 non-polymer 1-[2-[3-[(E)-2-(5-cyclopropyl-1,3-oxazol-2-yl)ethenyl]phenyl]-3-pyridin-4-yl-4,6-dihydropyrrolo[3,4-d]imidazol-5-yl]propan-1-one
3 water water
#
_entity_poly.entity_id   1
_entity_poly.type   'polypeptide(L)'
_entity_poly.pdbx_seq_one_letter_code
;GSGEAPNQALLRILKETEFKKIKVLGSGAFGTVYKGLWIPEGEKVKIPVAIKELREATSPKANKEILDEAYVMASVDNPG
NPHVCRLLGICLTSTVQLITQLMPFGCLLDYVREHKDNIGSQYLLNWCVQIAKGMNYLEDRRLVHRDLAARNVLVKTPQH
VKITDFGLAKLLGAEEKEYHAEGGKVPIKWMALESILHRIYTHQSDVWSYGVTVWELMTFGSKPYDGIPASEISSILEKG
ERLPQPPICTIDVYMIMRKCWMIDADSRPKFRELIIEFSKMARDPQRYLVIQGDERMHLPSPTDSNFYRALMDEEDMDDV
VDADEYLIPQQG
;
_entity_poly.pdbx_strand_id   A,B
#
loop_
_chem_comp.id
_chem_comp.type
_chem_comp.name
_chem_comp.formula
A1H7O non-polymer 1-[2-[3-[(E)-2-(5-cyclopropyl-1,3-oxazol-2-yl)ethenyl]phenyl]-3-pyridin-4-yl-4,6-dihydropyrrolo[3,4-d]imidazol-5-yl]propan-1-one 'C27 H25 N5 O2'
#
# COMPACT_ATOMS: atom_id res chain seq x y z
N LEU A 10 -3.09 -7.74 -14.90
CA LEU A 10 -3.24 -6.32 -15.24
C LEU A 10 -4.70 -5.87 -15.27
N LEU A 11 -5.54 -6.48 -16.16
CA LEU A 11 -6.95 -6.14 -16.35
C LEU A 11 -7.45 -7.05 -17.44
N ARG A 12 -8.40 -7.95 -17.15
CA ARG A 12 -8.90 -8.87 -18.16
C ARG A 12 -9.94 -8.21 -19.09
N ILE A 13 -10.15 -8.78 -20.28
CA ILE A 13 -11.20 -8.35 -21.21
C ILE A 13 -12.27 -9.41 -21.10
N LEU A 14 -13.28 -9.14 -20.29
CA LEU A 14 -14.35 -10.07 -19.99
C LEU A 14 -15.36 -10.32 -21.12
N LYS A 15 -15.40 -11.57 -21.59
CA LYS A 15 -16.38 -11.98 -22.58
C LYS A 15 -17.72 -12.07 -21.86
N GLU A 16 -18.82 -11.82 -22.56
CA GLU A 16 -20.17 -11.84 -21.98
C GLU A 16 -20.44 -13.12 -21.17
N THR A 17 -19.89 -14.25 -21.63
CA THR A 17 -20.04 -15.57 -21.01
C THR A 17 -19.09 -15.84 -19.84
N GLU A 18 -18.24 -14.87 -19.45
CA GLU A 18 -17.31 -15.05 -18.34
C GLU A 18 -17.97 -14.71 -17.01
N PHE A 19 -18.87 -13.72 -16.99
CA PHE A 19 -19.51 -13.29 -15.76
C PHE A 19 -21.02 -13.42 -15.73
N LYS A 20 -21.57 -13.62 -14.51
CA LYS A 20 -23.01 -13.77 -14.25
C LYS A 20 -23.50 -12.61 -13.38
N LYS A 21 -24.79 -12.32 -13.47
CA LYS A 21 -25.40 -11.27 -12.67
C LYS A 21 -26.38 -11.86 -11.66
N ILE A 22 -26.43 -11.25 -10.50
CA ILE A 22 -27.31 -11.62 -9.38
C ILE A 22 -28.07 -10.29 -9.00
N LYS A 23 -28.35 -10.00 -7.71
CA LYS A 23 -29.07 -8.80 -7.27
C LYS A 23 -28.43 -7.51 -7.76
N VAL A 24 -29.23 -6.46 -7.83
CA VAL A 24 -28.76 -5.13 -8.17
C VAL A 24 -28.39 -4.54 -6.81
N LEU A 25 -27.10 -4.40 -6.52
CA LEU A 25 -26.65 -3.80 -5.26
C LEU A 25 -27.20 -2.37 -5.06
N GLY A 26 -27.46 -1.68 -6.18
CA GLY A 26 -27.98 -0.32 -6.23
C GLY A 26 -28.05 0.18 -7.66
N SER A 27 -28.87 1.19 -7.89
CA SER A 27 -29.04 1.77 -9.22
C SER A 27 -29.12 3.28 -9.12
N GLY A 28 -28.39 3.96 -9.98
CA GLY A 28 -28.38 5.43 -9.99
C GLY A 28 -28.66 6.02 -11.35
N ALA A 29 -28.24 7.27 -11.55
CA ALA A 29 -28.45 7.95 -12.82
C ALA A 29 -27.50 7.38 -13.88
N PHE A 30 -26.22 7.15 -13.48
CA PHE A 30 -25.10 6.58 -14.25
C PHE A 30 -25.47 5.22 -14.87
N GLY A 31 -26.23 4.43 -14.14
CA GLY A 31 -26.63 3.10 -14.53
C GLY A 31 -26.93 2.23 -13.33
N THR A 32 -26.30 1.07 -13.28
CA THR A 32 -26.57 0.08 -12.24
C THR A 32 -25.30 -0.57 -11.68
N VAL A 33 -25.39 -1.23 -10.51
CA VAL A 33 -24.27 -1.98 -9.94
C VAL A 33 -24.86 -3.33 -9.57
N TYR A 34 -24.33 -4.45 -10.11
CA TYR A 34 -24.88 -5.77 -9.81
C TYR A 34 -23.91 -6.66 -9.07
N LYS A 35 -24.37 -7.35 -8.03
CA LYS A 35 -23.56 -8.37 -7.35
C LYS A 35 -23.59 -9.58 -8.31
N GLY A 36 -22.50 -10.36 -8.39
CA GLY A 36 -22.46 -11.50 -9.31
C GLY A 36 -21.28 -12.42 -9.21
N LEU A 37 -21.17 -13.37 -10.16
CA LEU A 37 -20.07 -14.32 -10.16
C LEU A 37 -19.26 -14.34 -11.47
N TRP A 38 -18.00 -13.94 -11.40
CA TRP A 38 -17.13 -13.93 -12.57
C TRP A 38 -16.10 -15.05 -12.54
N ILE A 39 -16.06 -15.84 -13.60
CA ILE A 39 -15.08 -16.90 -13.76
C ILE A 39 -14.12 -16.48 -14.88
N PRO A 40 -12.81 -16.38 -14.57
CA PRO A 40 -11.84 -15.97 -15.59
C PRO A 40 -11.70 -16.93 -16.77
N GLU A 41 -11.10 -16.43 -17.87
CA GLU A 41 -10.90 -17.13 -19.13
C GLU A 41 -10.38 -18.57 -18.99
N GLY A 42 -9.32 -18.76 -18.21
CA GLY A 42 -8.74 -20.09 -18.03
C GLY A 42 -8.49 -20.50 -16.60
N GLU A 43 -9.54 -20.49 -15.78
CA GLU A 43 -9.43 -20.88 -14.38
C GLU A 43 -10.72 -21.48 -13.87
N LYS A 44 -10.61 -22.31 -12.82
CA LYS A 44 -11.79 -22.91 -12.22
C LYS A 44 -12.29 -22.13 -10.98
N VAL A 45 -11.75 -20.90 -10.73
CA VAL A 45 -12.11 -20.06 -9.58
C VAL A 45 -13.35 -19.19 -9.80
N LYS A 46 -14.31 -19.28 -8.87
CA LYS A 46 -15.54 -18.49 -8.89
C LYS A 46 -15.23 -17.20 -8.11
N ILE A 47 -15.46 -16.02 -8.71
CA ILE A 47 -15.11 -14.75 -8.05
C ILE A 47 -16.29 -13.85 -7.74
N PRO A 48 -16.47 -13.48 -6.46
CA PRO A 48 -17.56 -12.55 -6.11
C PRO A 48 -17.25 -11.13 -6.62
N VAL A 49 -17.99 -10.68 -7.62
CA VAL A 49 -17.75 -9.39 -8.23
C VAL A 49 -18.94 -8.42 -8.16
N ALA A 50 -18.69 -7.13 -8.38
CA ALA A 50 -19.67 -6.08 -8.47
C ALA A 50 -19.55 -5.54 -9.90
N ILE A 51 -20.62 -5.57 -10.68
CA ILE A 51 -20.59 -5.15 -12.07
C ILE A 51 -21.26 -3.80 -12.30
N LYS A 52 -20.47 -2.73 -12.39
CA LYS A 52 -20.98 -1.40 -12.65
C LYS A 52 -21.42 -1.29 -14.11
N GLU A 53 -22.72 -1.42 -14.35
CA GLU A 53 -23.32 -1.28 -15.66
C GLU A 53 -23.38 0.20 -15.93
N LEU A 54 -22.63 0.71 -16.91
CA LEU A 54 -22.67 2.14 -17.23
C LEU A 54 -23.65 2.36 -18.37
N ARG A 55 -24.44 3.45 -18.32
CA ARG A 55 -25.46 3.75 -19.32
C ARG A 55 -24.89 4.00 -20.72
N GLU A 56 -25.64 3.58 -21.74
CA GLU A 56 -25.23 3.75 -23.11
C GLU A 56 -25.33 5.20 -23.58
N ALA A 57 -24.64 5.52 -24.69
CA ALA A 57 -24.61 6.82 -25.35
C ALA A 57 -24.17 7.96 -24.45
N THR A 58 -23.08 7.75 -23.73
CA THR A 58 -22.54 8.75 -22.83
C THR A 58 -21.17 9.21 -23.33
N SER A 59 -20.35 8.28 -23.81
CA SER A 59 -19.02 8.63 -24.31
C SER A 59 -19.04 8.85 -25.80
N PRO A 60 -18.50 9.99 -26.23
CA PRO A 60 -18.37 10.23 -27.69
C PRO A 60 -17.27 9.33 -28.31
N LYS A 61 -16.31 8.88 -27.49
CA LYS A 61 -15.20 8.02 -27.89
C LYS A 61 -15.72 6.66 -28.33
N ALA A 62 -14.97 6.01 -29.21
CA ALA A 62 -15.30 4.68 -29.69
C ALA A 62 -14.90 3.64 -28.63
N ASN A 63 -15.46 2.42 -28.70
CA ASN A 63 -15.17 1.34 -27.77
C ASN A 63 -13.68 0.96 -27.72
N LYS A 64 -12.97 1.16 -28.84
CA LYS A 64 -11.53 0.89 -28.91
C LYS A 64 -10.78 1.99 -28.17
N GLU A 65 -11.17 3.25 -28.41
CA GLU A 65 -10.57 4.41 -27.74
C GLU A 65 -10.77 4.33 -26.20
N ILE A 66 -11.90 3.75 -25.77
CA ILE A 66 -12.23 3.56 -24.36
C ILE A 66 -11.38 2.44 -23.75
N LEU A 67 -11.31 1.29 -24.45
CA LEU A 67 -10.55 0.11 -24.04
C LEU A 67 -9.05 0.40 -23.82
N ASP A 68 -8.42 1.11 -24.76
CA ASP A 68 -7.00 1.43 -24.62
C ASP A 68 -6.76 2.37 -23.45
N GLU A 69 -7.68 3.33 -23.22
CA GLU A 69 -7.65 4.27 -22.12
C GLU A 69 -7.88 3.58 -20.76
N ALA A 70 -8.69 2.50 -20.77
CA ALA A 70 -8.93 1.68 -19.58
C ALA A 70 -7.65 0.94 -19.21
N TYR A 71 -6.86 0.51 -20.20
CA TYR A 71 -5.57 -0.15 -19.98
C TYR A 71 -4.52 0.79 -19.40
N VAL A 72 -4.62 2.08 -19.72
CA VAL A 72 -3.75 3.12 -19.18
C VAL A 72 -4.12 3.34 -17.72
N MET A 73 -5.41 3.41 -17.41
CA MET A 73 -5.86 3.56 -16.02
C MET A 73 -5.71 2.26 -15.18
N ALA A 74 -5.47 1.12 -15.85
CA ALA A 74 -5.17 -0.16 -15.20
C ALA A 74 -3.69 -0.24 -14.73
N SER A 75 -2.86 0.75 -15.10
CA SER A 75 -1.47 0.77 -14.66
C SER A 75 -1.40 1.13 -13.18
N VAL A 76 -2.30 2.02 -12.71
CA VAL A 76 -2.40 2.44 -11.30
C VAL A 76 -2.46 1.21 -10.35
N ASP A 77 -2.94 0.05 -10.84
CA ASP A 77 -3.03 -1.20 -10.09
C ASP A 77 -1.67 -1.90 -9.86
N ASN A 78 -0.56 -1.21 -10.11
CA ASN A 78 0.78 -1.75 -9.92
C ASN A 78 1.78 -0.60 -9.64
N PRO A 79 2.42 -0.55 -8.47
CA PRO A 79 2.37 -1.53 -7.35
C PRO A 79 1.04 -1.61 -6.59
N GLY A 80 0.23 -0.57 -6.68
CA GLY A 80 -1.07 -0.53 -6.01
C GLY A 80 -1.02 0.02 -4.61
N ASN A 81 -2.21 0.33 -4.06
CA ASN A 81 -2.35 0.85 -2.70
C ASN A 81 -3.58 0.23 -2.04
N PRO A 82 -3.50 -0.10 -0.73
CA PRO A 82 -4.68 -0.70 -0.06
C PRO A 82 -5.91 0.22 0.01
N HIS A 83 -5.76 1.48 -0.38
CA HIS A 83 -6.88 2.42 -0.32
C HIS A 83 -7.25 2.97 -1.67
N VAL A 84 -7.01 2.19 -2.74
CA VAL A 84 -7.37 2.47 -4.12
C VAL A 84 -7.86 1.16 -4.68
N CYS A 85 -9.02 1.16 -5.35
CA CYS A 85 -9.58 -0.07 -5.91
C CYS A 85 -8.80 -0.63 -7.11
N ARG A 86 -9.03 -1.90 -7.44
CA ARG A 86 -8.39 -2.56 -8.56
C ARG A 86 -9.49 -2.98 -9.54
N LEU A 87 -9.41 -2.56 -10.82
CA LEU A 87 -10.44 -2.95 -11.79
C LEU A 87 -10.16 -4.39 -12.27
N LEU A 88 -10.87 -5.37 -11.70
CA LEU A 88 -10.66 -6.77 -12.05
C LEU A 88 -10.81 -7.07 -13.53
N GLY A 89 -11.62 -6.30 -14.23
CA GLY A 89 -11.81 -6.52 -15.65
C GLY A 89 -12.91 -5.69 -16.26
N ILE A 90 -12.85 -5.50 -17.58
CA ILE A 90 -13.82 -4.68 -18.27
C ILE A 90 -14.52 -5.44 -19.38
N CYS A 91 -15.81 -5.16 -19.53
CA CYS A 91 -16.63 -5.77 -20.56
C CYS A 91 -17.16 -4.64 -21.46
N LEU A 92 -17.02 -4.80 -22.78
CA LEU A 92 -17.50 -3.78 -23.71
C LEU A 92 -18.46 -4.29 -24.76
N THR A 93 -19.74 -4.17 -24.47
CA THR A 93 -20.81 -4.56 -25.37
C THR A 93 -21.34 -3.20 -25.96
N SER A 94 -22.65 -2.91 -25.92
CA SER A 94 -23.16 -1.60 -26.30
C SER A 94 -22.82 -0.61 -25.15
N THR A 95 -22.85 -1.12 -23.87
CA THR A 95 -22.54 -0.42 -22.62
C THR A 95 -21.14 -0.79 -22.09
N VAL A 96 -20.62 0.01 -21.13
CA VAL A 96 -19.34 -0.30 -20.48
C VAL A 96 -19.64 -0.91 -19.09
N GLN A 97 -19.33 -2.19 -18.90
CA GLN A 97 -19.58 -2.87 -17.63
C GLN A 97 -18.25 -3.07 -16.93
N LEU A 98 -18.13 -2.49 -15.74
CA LEU A 98 -16.90 -2.55 -14.94
C LEU A 98 -16.97 -3.64 -13.87
N ILE A 99 -15.96 -4.50 -13.81
CA ILE A 99 -15.95 -5.62 -12.88
C ILE A 99 -14.81 -5.50 -11.88
N THR A 100 -15.12 -5.39 -10.60
CA THR A 100 -14.09 -5.34 -9.55
C THR A 100 -14.43 -6.40 -8.46
N GLN A 101 -13.64 -6.51 -7.37
CA GLN A 101 -13.96 -7.43 -6.28
C GLN A 101 -15.14 -6.85 -5.52
N LEU A 102 -16.01 -7.72 -5.02
CA LEU A 102 -17.21 -7.29 -4.31
C LEU A 102 -17.01 -6.83 -2.85
N MET A 103 -17.28 -5.56 -2.59
CA MET A 103 -17.23 -5.02 -1.24
C MET A 103 -18.59 -5.37 -0.67
N PRO A 104 -18.63 -6.16 0.42
CA PRO A 104 -19.94 -6.50 1.01
C PRO A 104 -20.57 -5.35 1.80
N PHE A 105 -19.73 -4.46 2.33
CA PHE A 105 -20.14 -3.34 3.15
C PHE A 105 -20.31 -2.03 2.36
N GLY A 106 -20.69 -2.17 1.08
CA GLY A 106 -20.97 -1.10 0.13
C GLY A 106 -19.98 0.04 0.05
N CYS A 107 -20.47 1.26 0.39
CA CYS A 107 -19.66 2.48 0.44
C CYS A 107 -19.63 3.10 1.84
N LEU A 108 -18.71 4.03 2.09
CA LEU A 108 -18.54 4.63 3.40
C LEU A 108 -19.68 5.55 3.77
N LEU A 109 -20.24 6.30 2.82
CA LEU A 109 -21.38 7.21 3.04
C LEU A 109 -22.56 6.47 3.68
N ASP A 110 -22.96 5.33 3.09
CA ASP A 110 -24.04 4.51 3.64
C ASP A 110 -23.65 3.95 5.01
N TYR A 111 -22.41 3.46 5.11
CA TYR A 111 -21.90 2.93 6.37
C TYR A 111 -21.95 3.97 7.51
N VAL A 112 -21.40 5.17 7.32
CA VAL A 112 -21.42 6.21 8.36
C VAL A 112 -22.82 6.75 8.67
N ARG A 113 -23.83 6.41 7.84
CA ARG A 113 -25.22 6.81 8.06
C ARG A 113 -25.86 5.72 8.89
N GLU A 114 -25.75 4.46 8.45
CA GLU A 114 -26.34 3.31 9.12
C GLU A 114 -25.73 3.00 10.49
N HIS A 115 -24.52 3.49 10.76
CA HIS A 115 -23.82 3.22 12.02
C HIS A 115 -23.42 4.49 12.77
N LYS A 116 -24.05 5.63 12.43
CA LYS A 116 -23.79 6.97 12.99
C LYS A 116 -23.45 6.98 14.49
N ASP A 117 -24.31 6.37 15.33
CA ASP A 117 -24.11 6.37 16.77
C ASP A 117 -22.93 5.51 17.25
N ASN A 118 -22.69 4.37 16.59
CA ASN A 118 -21.58 3.49 16.98
C ASN A 118 -20.20 3.97 16.49
N ILE A 119 -20.16 4.91 15.53
CA ILE A 119 -18.91 5.39 14.94
C ILE A 119 -18.13 6.33 15.87
N GLY A 120 -16.90 5.91 16.16
CA GLY A 120 -15.97 6.60 17.05
C GLY A 120 -15.05 7.61 16.41
N SER A 121 -14.18 8.21 17.21
CA SER A 121 -13.24 9.23 16.76
C SER A 121 -12.02 8.65 16.07
N GLN A 122 -11.58 7.47 16.51
CA GLN A 122 -10.44 6.80 15.88
C GLN A 122 -10.88 6.24 14.53
N TYR A 123 -12.08 5.63 14.47
CA TYR A 123 -12.67 5.10 13.23
C TYR A 123 -12.80 6.21 12.19
N LEU A 124 -13.27 7.39 12.62
CA LEU A 124 -13.42 8.56 11.77
C LEU A 124 -12.09 9.11 11.29
N LEU A 125 -11.16 9.41 12.22
CA LEU A 125 -9.88 10.01 11.86
C LEU A 125 -9.03 9.08 11.01
N ASN A 126 -9.06 7.78 11.30
CA ASN A 126 -8.31 6.83 10.49
C ASN A 126 -8.90 6.69 9.10
N TRP A 127 -10.22 6.91 8.93
CA TRP A 127 -10.82 6.87 7.60
C TRP A 127 -10.25 8.03 6.76
N CYS A 128 -10.11 9.24 7.37
CA CYS A 128 -9.53 10.41 6.71
C CYS A 128 -8.10 10.08 6.27
N VAL A 129 -7.34 9.42 7.16
CA VAL A 129 -5.97 8.98 6.96
C VAL A 129 -5.89 8.10 5.72
N GLN A 130 -6.61 6.96 5.70
CA GLN A 130 -6.62 5.99 4.61
C GLN A 130 -7.02 6.63 3.30
N ILE A 131 -8.05 7.46 3.31
CA ILE A 131 -8.51 8.13 2.11
C ILE A 131 -7.44 9.04 1.53
N ALA A 132 -6.72 9.80 2.42
CA ALA A 132 -5.63 10.68 2.00
C ALA A 132 -4.49 9.87 1.44
N LYS A 133 -4.17 8.73 2.07
CA LYS A 133 -3.11 7.83 1.61
C LYS A 133 -3.38 7.34 0.17
N GLY A 134 -4.60 6.91 -0.09
CA GLY A 134 -4.99 6.42 -1.40
C GLY A 134 -5.10 7.55 -2.41
N MET A 135 -5.59 8.72 -1.97
CA MET A 135 -5.72 9.88 -2.84
C MET A 135 -4.37 10.42 -3.27
N ASN A 136 -3.38 10.36 -2.37
CA ASN A 136 -1.99 10.73 -2.61
C ASN A 136 -1.41 9.76 -3.64
N TYR A 137 -1.70 8.45 -3.51
CA TYR A 137 -1.25 7.42 -4.43
C TYR A 137 -1.72 7.69 -5.87
N LEU A 138 -2.88 8.30 -6.04
CA LEU A 138 -3.37 8.68 -7.36
C LEU A 138 -2.50 9.81 -7.89
N GLU A 139 -2.20 10.82 -7.05
CA GLU A 139 -1.32 11.96 -7.35
C GLU A 139 0.10 11.50 -7.73
N ASP A 140 0.54 10.37 -7.16
CA ASP A 140 1.83 9.75 -7.48
C ASP A 140 1.79 9.21 -8.92
N ARG A 141 0.65 8.63 -9.34
CA ARG A 141 0.54 8.12 -10.71
C ARG A 141 -0.09 9.14 -11.70
N ARG A 142 -0.27 10.40 -11.25
CA ARG A 142 -0.87 11.49 -12.01
C ARG A 142 -2.31 11.24 -12.43
N LEU A 143 -3.03 10.34 -11.72
CA LEU A 143 -4.41 10.08 -12.05
C LEU A 143 -5.30 10.98 -11.22
N VAL A 144 -6.02 11.87 -11.88
CA VAL A 144 -6.92 12.78 -11.20
C VAL A 144 -8.30 12.11 -11.09
N HIS A 145 -8.80 11.98 -9.85
CA HIS A 145 -10.06 11.32 -9.53
C HIS A 145 -11.32 11.99 -10.12
N ARG A 146 -11.43 13.32 -10.01
CA ARG A 146 -12.56 14.15 -10.46
C ARG A 146 -13.84 14.00 -9.59
N ASP A 147 -14.15 12.78 -9.15
CA ASP A 147 -15.36 12.53 -8.37
C ASP A 147 -15.08 11.88 -7.01
N LEU A 148 -14.44 12.63 -6.09
CA LEU A 148 -14.19 12.11 -4.74
C LEU A 148 -15.31 12.53 -3.77
N ALA A 149 -15.99 11.54 -3.22
CA ALA A 149 -17.10 11.74 -2.29
C ALA A 149 -17.12 10.59 -1.27
N ALA A 150 -17.90 10.68 -0.19
CA ALA A 150 -18.02 9.57 0.76
C ALA A 150 -18.72 8.35 0.10
N ARG A 151 -19.50 8.57 -0.96
CA ARG A 151 -20.18 7.49 -1.68
C ARG A 151 -19.22 6.73 -2.61
N ASN A 152 -18.09 7.37 -3.01
CA ASN A 152 -17.06 6.75 -3.84
C ASN A 152 -15.94 6.10 -3.03
N VAL A 153 -15.93 6.30 -1.72
CA VAL A 153 -15.03 5.62 -0.82
C VAL A 153 -15.77 4.32 -0.50
N LEU A 154 -15.16 3.16 -0.72
CA LEU A 154 -15.82 1.89 -0.43
C LEU A 154 -15.23 1.26 0.83
N VAL A 155 -16.00 0.34 1.45
CA VAL A 155 -15.59 -0.35 2.68
C VAL A 155 -15.31 -1.84 2.37
N LYS A 156 -14.09 -2.32 2.64
CA LYS A 156 -13.79 -3.75 2.49
C LYS A 156 -14.06 -4.38 3.86
N THR A 157 -13.49 -3.78 4.90
CA THR A 157 -13.70 -4.09 6.29
C THR A 157 -13.96 -2.72 6.95
N PRO A 158 -14.70 -2.62 8.07
CA PRO A 158 -14.86 -1.32 8.73
C PRO A 158 -13.55 -0.57 9.03
N GLN A 159 -12.43 -1.29 9.08
CA GLN A 159 -11.07 -0.78 9.34
C GLN A 159 -10.18 -0.62 8.06
N HIS A 160 -10.76 -0.84 6.90
CA HIS A 160 -10.05 -0.79 5.63
C HIS A 160 -10.97 -0.25 4.55
N VAL A 161 -10.68 0.95 4.06
CA VAL A 161 -11.47 1.58 3.01
C VAL A 161 -10.67 1.76 1.71
N LYS A 162 -11.38 1.93 0.59
CA LYS A 162 -10.75 2.08 -0.71
C LYS A 162 -11.40 3.20 -1.50
N ILE A 163 -10.80 3.64 -2.60
CA ILE A 163 -11.38 4.71 -3.44
C ILE A 163 -11.77 4.12 -4.77
N THR A 164 -12.96 4.41 -5.27
CA THR A 164 -13.39 3.88 -6.55
C THR A 164 -13.86 4.99 -7.51
N ASP A 165 -14.07 4.68 -8.81
CA ASP A 165 -14.56 5.62 -9.83
C ASP A 165 -13.57 6.74 -10.16
N PHE A 166 -12.28 6.46 -10.01
CA PHE A 166 -11.25 7.44 -10.31
C PHE A 166 -11.03 7.52 -11.81
N GLY A 167 -10.89 8.74 -12.32
CA GLY A 167 -10.66 8.98 -13.73
C GLY A 167 -11.72 8.42 -14.64
N LEU A 168 -12.92 8.11 -14.11
CA LEU A 168 -14.01 7.61 -14.97
C LEU A 168 -14.62 8.71 -15.84
N ALA A 169 -14.49 9.98 -15.42
CA ALA A 169 -14.90 11.12 -16.22
C ALA A 169 -13.84 11.31 -17.31
N LYS A 170 -12.54 11.16 -16.99
CA LYS A 170 -11.44 11.23 -17.95
C LYS A 170 -11.59 10.12 -19.02
N LEU A 171 -12.19 8.97 -18.65
CA LEU A 171 -12.45 7.85 -19.54
C LEU A 171 -13.65 8.16 -20.45
N LEU A 172 -14.67 8.79 -19.91
CA LEU A 172 -15.87 9.14 -20.69
C LEU A 172 -16.49 10.44 -20.19
N GLY A 173 -16.57 11.42 -21.09
CA GLY A 173 -17.12 12.73 -20.77
C GLY A 173 -18.30 13.10 -21.64
N VAL A 186 -23.75 15.85 -12.58
CA VAL A 186 -22.41 16.21 -12.16
C VAL A 186 -22.42 16.82 -10.74
N PRO A 187 -21.68 16.20 -9.79
CA PRO A 187 -21.70 16.70 -8.40
C PRO A 187 -21.09 18.08 -8.20
N ILE A 188 -21.94 19.10 -8.22
CA ILE A 188 -21.48 20.47 -8.09
C ILE A 188 -21.05 20.80 -6.66
N LYS A 189 -21.71 20.19 -5.66
CA LYS A 189 -21.37 20.46 -4.26
C LYS A 189 -19.99 19.94 -3.86
N TRP A 190 -19.50 18.88 -4.53
CA TRP A 190 -18.18 18.32 -4.26
C TRP A 190 -17.08 19.03 -5.08
N MET A 191 -17.43 19.55 -6.27
CA MET A 191 -16.51 20.23 -7.15
C MET A 191 -16.06 21.60 -6.67
N ALA A 192 -14.78 21.93 -6.93
CA ALA A 192 -14.18 23.22 -6.63
C ALA A 192 -14.64 24.29 -7.62
N LEU A 193 -14.50 25.58 -7.30
CA LEU A 193 -14.97 26.66 -8.17
C LEU A 193 -14.48 26.57 -9.65
N GLU A 194 -13.17 26.30 -9.85
CA GLU A 194 -12.58 26.17 -11.20
C GLU A 194 -13.12 24.95 -11.99
N SER A 195 -13.75 24.01 -11.29
CA SER A 195 -14.39 22.83 -11.88
C SER A 195 -15.86 23.17 -12.15
N ILE A 196 -16.52 23.90 -11.22
CA ILE A 196 -17.92 24.29 -11.39
C ILE A 196 -18.07 25.21 -12.57
N LEU A 197 -17.16 26.18 -12.70
CA LEU A 197 -17.24 27.15 -13.79
C LEU A 197 -16.60 26.71 -15.09
N HIS A 198 -15.40 26.10 -15.02
CA HIS A 198 -14.64 25.78 -16.22
C HIS A 198 -14.29 24.31 -16.43
N ARG A 199 -14.71 23.44 -15.52
CA ARG A 199 -14.45 21.99 -15.61
C ARG A 199 -12.97 21.66 -15.78
N ILE A 200 -12.13 22.32 -14.99
CA ILE A 200 -10.69 22.09 -15.04
C ILE A 200 -10.31 21.27 -13.82
N TYR A 201 -10.07 19.98 -14.04
CA TYR A 201 -9.76 19.08 -12.94
C TYR A 201 -8.27 18.83 -12.80
N THR A 202 -7.75 19.08 -11.60
CA THR A 202 -6.35 18.89 -11.25
C THR A 202 -6.28 18.09 -9.93
N HIS A 203 -5.08 17.66 -9.51
CA HIS A 203 -4.93 16.95 -8.24
C HIS A 203 -5.30 17.83 -7.06
N GLN A 204 -5.17 19.15 -7.19
CA GLN A 204 -5.56 20.10 -6.15
C GLN A 204 -7.07 20.24 -6.04
N SER A 205 -7.80 20.00 -7.16
CA SER A 205 -9.26 20.05 -7.16
C SER A 205 -9.80 18.92 -6.26
N ASP A 206 -9.17 17.74 -6.29
CA ASP A 206 -9.55 16.62 -5.45
C ASP A 206 -9.30 16.85 -3.95
N VAL A 207 -8.49 17.86 -3.60
CA VAL A 207 -8.28 18.23 -2.21
C VAL A 207 -9.54 18.98 -1.71
N TRP A 208 -10.18 19.78 -2.57
CA TRP A 208 -11.43 20.46 -2.24
C TRP A 208 -12.52 19.40 -2.02
N SER A 209 -12.59 18.39 -2.94
CA SER A 209 -13.53 17.25 -2.90
C SER A 209 -13.28 16.36 -1.69
N TYR A 210 -12.00 16.25 -1.27
CA TYR A 210 -11.57 15.55 -0.08
C TYR A 210 -12.11 16.33 1.13
N GLY A 211 -11.98 17.66 1.11
CA GLY A 211 -12.51 18.54 2.14
C GLY A 211 -14.00 18.34 2.34
N VAL A 212 -14.76 18.24 1.24
CA VAL A 212 -16.19 17.95 1.29
C VAL A 212 -16.39 16.55 1.88
N THR A 213 -15.57 15.58 1.46
CA THR A 213 -15.65 14.19 1.91
C THR A 213 -15.41 14.05 3.40
N VAL A 214 -14.47 14.81 3.96
CA VAL A 214 -14.22 14.78 5.40
C VAL A 214 -15.45 15.33 6.12
N TRP A 215 -15.97 16.49 5.68
CA TRP A 215 -17.17 17.09 6.24
C TRP A 215 -18.35 16.12 6.23
N GLU A 216 -18.46 15.32 5.16
CA GLU A 216 -19.51 14.32 5.00
C GLU A 216 -19.42 13.27 6.09
N LEU A 217 -18.18 12.80 6.40
CA LEU A 217 -17.93 11.81 7.45
C LEU A 217 -18.20 12.43 8.82
N MET A 218 -17.80 13.69 9.00
CA MET A 218 -18.02 14.43 10.23
C MET A 218 -19.50 14.83 10.42
N THR A 219 -20.33 14.68 9.40
CA THR A 219 -21.77 14.92 9.47
C THR A 219 -22.59 13.63 9.26
N PHE A 220 -21.94 12.46 9.37
CA PHE A 220 -22.53 11.12 9.28
C PHE A 220 -23.43 10.94 8.04
N GLY A 221 -22.95 11.40 6.89
CA GLY A 221 -23.64 11.27 5.62
C GLY A 221 -24.53 12.45 5.26
N SER A 222 -24.29 13.64 5.86
CA SER A 222 -25.11 14.82 5.56
C SER A 222 -24.87 15.38 4.18
N LYS A 223 -25.92 15.91 3.54
CA LYS A 223 -25.80 16.45 2.20
C LYS A 223 -25.04 17.76 2.23
N PRO A 224 -24.03 17.92 1.38
CA PRO A 224 -23.28 19.19 1.37
C PRO A 224 -24.15 20.30 0.81
N TYR A 225 -24.26 21.43 1.54
CA TYR A 225 -25.06 22.59 1.16
C TYR A 225 -26.52 22.16 0.95
N ASP A 226 -27.04 21.34 1.90
CA ASP A 226 -28.36 20.73 1.87
C ASP A 226 -29.49 21.66 1.45
N GLY A 227 -30.18 21.27 0.39
CA GLY A 227 -31.31 22.04 -0.12
C GLY A 227 -30.96 23.04 -1.20
N ILE A 228 -29.87 23.82 -0.96
CA ILE A 228 -29.34 24.85 -1.86
C ILE A 228 -29.19 24.34 -3.29
N PRO A 229 -30.01 24.87 -4.22
CA PRO A 229 -29.97 24.37 -5.60
C PRO A 229 -28.62 24.52 -6.28
N ALA A 230 -28.29 23.55 -7.14
CA ALA A 230 -27.02 23.45 -7.89
C ALA A 230 -26.60 24.73 -8.59
N SER A 231 -27.56 25.44 -9.22
CA SER A 231 -27.31 26.69 -9.95
C SER A 231 -26.78 27.78 -9.02
N GLU A 232 -27.31 27.83 -7.78
CA GLU A 232 -26.87 28.81 -6.80
C GLU A 232 -25.41 28.58 -6.38
N ILE A 233 -25.04 27.33 -6.00
CA ILE A 233 -23.70 26.88 -5.55
C ILE A 233 -22.51 27.68 -6.12
N SER A 234 -22.45 27.84 -7.46
CA SER A 234 -21.37 28.55 -8.16
C SER A 234 -21.19 29.97 -7.60
N SER A 235 -22.26 30.76 -7.66
CA SER A 235 -22.29 32.14 -7.20
C SER A 235 -22.33 32.26 -5.66
N ILE A 236 -22.83 31.21 -4.99
CA ILE A 236 -22.93 31.07 -3.54
C ILE A 236 -21.53 30.89 -2.91
N LEU A 237 -20.61 30.22 -3.63
CA LEU A 237 -19.24 30.04 -3.21
C LEU A 237 -18.44 31.33 -3.39
N GLU A 238 -18.79 32.15 -4.40
CA GLU A 238 -18.15 33.44 -4.63
C GLU A 238 -18.41 34.37 -3.43
N LYS A 239 -19.64 34.29 -2.85
CA LYS A 239 -20.04 35.07 -1.67
C LYS A 239 -19.26 34.70 -0.39
N GLY A 240 -18.33 33.75 -0.48
CA GLY A 240 -17.46 33.31 0.59
C GLY A 240 -17.97 32.18 1.45
N GLU A 241 -19.29 31.90 1.40
CA GLU A 241 -19.85 30.83 2.23
C GLU A 241 -19.43 29.44 1.78
N ARG A 242 -18.84 28.70 2.72
CA ARG A 242 -18.41 27.31 2.58
C ARG A 242 -19.31 26.40 3.48
N LEU A 243 -19.01 25.10 3.57
CA LEU A 243 -19.79 24.19 4.39
C LEU A 243 -19.72 24.59 5.87
N PRO A 244 -20.83 24.44 6.60
CA PRO A 244 -20.81 24.80 8.01
C PRO A 244 -20.02 23.79 8.85
N GLN A 245 -19.31 24.26 9.87
CA GLN A 245 -18.52 23.37 10.72
C GLN A 245 -19.39 22.38 11.51
N PRO A 246 -19.11 21.07 11.40
CA PRO A 246 -19.89 20.09 12.19
C PRO A 246 -19.59 20.20 13.69
N PRO A 247 -20.56 19.83 14.54
CA PRO A 247 -20.35 19.97 15.99
C PRO A 247 -19.35 19.02 16.62
N ILE A 248 -18.91 17.99 15.89
CA ILE A 248 -17.94 17.04 16.43
C ILE A 248 -16.50 17.47 16.14
N CYS A 249 -16.27 18.28 15.10
CA CYS A 249 -14.93 18.71 14.76
C CYS A 249 -14.46 19.79 15.69
N THR A 250 -13.20 19.73 16.11
CA THR A 250 -12.62 20.82 16.89
C THR A 250 -12.12 21.87 15.88
N ILE A 251 -11.80 23.08 16.36
CA ILE A 251 -11.33 24.16 15.48
C ILE A 251 -10.13 23.74 14.61
N ASP A 252 -9.28 22.87 15.15
CA ASP A 252 -8.10 22.36 14.48
C ASP A 252 -8.47 21.51 13.24
N VAL A 253 -9.60 20.79 13.30
CA VAL A 253 -10.08 19.98 12.19
C VAL A 253 -10.74 20.86 11.15
N TYR A 254 -11.51 21.89 11.59
CA TYR A 254 -12.17 22.79 10.64
C TYR A 254 -11.21 23.67 9.85
N MET A 255 -10.00 23.93 10.40
CA MET A 255 -9.00 24.68 9.66
C MET A 255 -8.52 23.88 8.46
N ILE A 256 -8.48 22.53 8.57
CA ILE A 256 -8.09 21.64 7.49
C ILE A 256 -9.18 21.56 6.42
N MET A 257 -10.44 21.46 6.82
CA MET A 257 -11.54 21.41 5.87
C MET A 257 -11.65 22.74 5.09
N ARG A 258 -11.52 23.89 5.80
CA ARG A 258 -11.58 25.21 5.18
C ARG A 258 -10.31 25.55 4.38
N LYS A 259 -9.17 24.90 4.69
CA LYS A 259 -7.93 25.07 3.92
C LYS A 259 -8.12 24.53 2.51
N CYS A 260 -8.80 23.39 2.39
CA CYS A 260 -9.11 22.70 1.13
C CYS A 260 -10.12 23.45 0.28
N TRP A 261 -10.92 24.34 0.89
CA TRP A 261 -11.92 25.09 0.17
C TRP A 261 -11.45 26.50 -0.19
N MET A 262 -10.13 26.72 -0.36
CA MET A 262 -9.64 28.03 -0.76
C MET A 262 -9.84 28.25 -2.25
N ILE A 263 -9.95 29.51 -2.67
CA ILE A 263 -10.15 29.85 -4.08
C ILE A 263 -8.97 29.37 -4.93
N ASP A 264 -7.74 29.76 -4.56
CA ASP A 264 -6.56 29.34 -5.31
C ASP A 264 -6.33 27.87 -5.07
N ALA A 265 -5.99 27.12 -6.13
CA ALA A 265 -5.75 25.69 -6.02
C ALA A 265 -4.50 25.41 -5.20
N ASP A 266 -3.45 26.20 -5.41
CA ASP A 266 -2.18 26.06 -4.71
C ASP A 266 -2.23 26.48 -3.23
N SER A 267 -3.25 27.26 -2.83
CA SER A 267 -3.44 27.64 -1.44
C SER A 267 -3.91 26.45 -0.59
N ARG A 268 -4.65 25.49 -1.21
CA ARG A 268 -5.12 24.27 -0.58
C ARG A 268 -3.93 23.34 -0.31
N PRO A 269 -4.00 22.49 0.72
CA PRO A 269 -2.86 21.58 0.99
C PRO A 269 -2.73 20.41 0.00
N LYS A 270 -1.64 19.64 0.09
CA LYS A 270 -1.44 18.45 -0.75
C LYS A 270 -1.90 17.19 0.03
N PHE A 271 -2.06 16.05 -0.67
CA PHE A 271 -2.47 14.82 0.02
C PHE A 271 -1.38 14.27 0.96
N ARG A 272 -0.11 14.62 0.73
CA ARG A 272 1.00 14.23 1.60
C ARG A 272 0.82 14.91 2.97
N GLU A 273 0.47 16.19 2.97
CA GLU A 273 0.26 17.00 4.17
C GLU A 273 -0.87 16.44 5.02
N LEU A 274 -1.99 16.07 4.36
CA LEU A 274 -3.17 15.51 5.01
C LEU A 274 -2.89 14.14 5.64
N ILE A 275 -2.02 13.32 5.02
CA ILE A 275 -1.64 12.01 5.58
C ILE A 275 -0.96 12.20 6.93
N ILE A 276 -0.06 13.19 7.02
CA ILE A 276 0.68 13.46 8.25
C ILE A 276 -0.21 14.10 9.29
N GLU A 277 -1.01 15.10 8.88
CA GLU A 277 -1.89 15.81 9.82
C GLU A 277 -2.95 14.92 10.44
N PHE A 278 -3.63 14.11 9.63
CA PHE A 278 -4.71 13.26 10.13
C PHE A 278 -4.21 12.10 10.98
N SER A 279 -2.96 11.66 10.78
CA SER A 279 -2.35 10.61 11.60
C SER A 279 -1.83 11.22 12.92
N LYS A 280 -1.37 12.47 12.88
CA LYS A 280 -0.97 13.25 14.05
C LYS A 280 -2.23 13.47 14.91
N MET A 281 -3.38 13.78 14.27
CA MET A 281 -4.66 13.97 14.91
C MET A 281 -5.17 12.67 15.52
N ALA A 282 -4.92 11.53 14.86
CA ALA A 282 -5.31 10.23 15.40
C ALA A 282 -4.47 9.82 16.62
N ARG A 283 -3.37 10.54 16.92
CA ARG A 283 -2.51 10.27 18.08
C ARG A 283 -3.05 10.86 19.42
N ASP A 284 -4.35 11.23 19.44
CA ASP A 284 -5.17 11.74 20.55
C ASP A 284 -6.51 12.21 19.95
N PRO A 285 -7.35 11.25 19.51
CA PRO A 285 -8.62 11.64 18.88
C PRO A 285 -9.58 12.38 19.79
N GLN A 286 -9.49 12.16 21.11
CA GLN A 286 -10.34 12.87 22.07
C GLN A 286 -10.07 14.40 22.07
N ARG A 287 -8.93 14.83 21.50
CA ARG A 287 -8.55 16.23 21.34
C ARG A 287 -9.01 16.83 19.99
N TYR A 288 -9.56 16.00 19.07
CA TYR A 288 -9.97 16.46 17.74
C TYR A 288 -11.42 16.09 17.37
N LEU A 289 -12.04 15.17 18.10
CA LEU A 289 -13.43 14.79 17.84
C LEU A 289 -14.21 14.58 19.15
N VAL A 290 -15.35 15.26 19.31
CA VAL A 290 -16.16 15.15 20.51
C VAL A 290 -17.50 14.42 20.27
N ILE A 291 -17.65 13.20 20.85
CA ILE A 291 -18.85 12.35 20.68
C ILE A 291 -19.22 11.52 21.97
N GLN A 292 -20.33 10.75 21.92
CA GLN A 292 -20.77 9.86 23.02
C GLN A 292 -19.95 8.52 22.99
N GLY A 293 -19.91 7.84 24.13
CA GLY A 293 -19.14 6.60 24.24
C GLY A 293 -17.66 6.87 24.46
N ASP A 294 -17.17 7.98 23.86
CA ASP A 294 -15.80 8.44 23.98
C ASP A 294 -15.74 9.60 25.01
N LEU B 10 6.75 13.90 4.10
CA LEU B 10 7.23 12.59 3.68
C LEU B 10 7.69 11.76 4.88
N LEU B 11 8.37 12.41 5.84
CA LEU B 11 8.89 11.82 7.07
C LEU B 11 9.26 12.92 8.07
N ARG B 12 9.34 12.57 9.37
CA ARG B 12 9.70 13.52 10.42
C ARG B 12 11.16 13.39 10.85
N ILE B 13 11.76 14.46 11.38
CA ILE B 13 13.13 14.41 11.86
C ILE B 13 13.04 14.51 13.38
N LEU B 14 13.25 13.38 14.07
CA LEU B 14 13.05 13.29 15.51
C LEU B 14 14.18 13.86 16.38
N LYS B 15 13.81 14.83 17.23
CA LYS B 15 14.66 15.54 18.18
C LYS B 15 15.22 14.62 19.27
N GLU B 16 16.20 15.10 20.04
CA GLU B 16 16.81 14.33 21.12
C GLU B 16 15.83 14.14 22.29
N THR B 17 15.24 15.24 22.78
CA THR B 17 14.29 15.16 23.88
C THR B 17 12.86 14.84 23.41
N GLU B 18 12.74 14.08 22.30
CA GLU B 18 11.48 13.64 21.74
C GLU B 18 11.27 12.11 21.89
N PHE B 19 12.35 11.34 22.11
CA PHE B 19 12.24 9.90 22.31
C PHE B 19 13.36 9.33 23.19
N LYS B 20 13.10 8.19 23.84
CA LYS B 20 14.08 7.53 24.69
C LYS B 20 14.17 6.02 24.36
N LYS B 21 15.26 5.35 24.80
CA LYS B 21 15.45 3.91 24.57
C LYS B 21 15.12 3.16 25.87
N ILE B 22 14.44 2.00 25.78
CA ILE B 22 14.06 1.27 26.99
C ILE B 22 14.91 -0.03 27.18
N LYS B 23 14.59 -1.15 26.49
CA LYS B 23 15.28 -2.43 26.65
C LYS B 23 16.21 -2.76 25.45
N VAL B 24 16.98 -3.85 25.55
CA VAL B 24 17.89 -4.29 24.49
C VAL B 24 17.25 -5.47 23.76
N LEU B 25 17.26 -5.44 22.42
CA LEU B 25 16.67 -6.53 21.66
C LEU B 25 17.59 -7.07 20.57
N GLY B 26 17.96 -6.24 19.61
CA GLY B 26 18.73 -6.68 18.47
C GLY B 26 20.17 -6.24 18.37
N SER B 27 20.95 -7.02 17.61
CA SER B 27 22.38 -6.81 17.36
C SER B 27 22.70 -7.09 15.88
N GLY B 28 23.82 -6.57 15.39
CA GLY B 28 24.26 -6.80 14.02
C GLY B 28 25.29 -5.85 13.47
N ALA B 29 26.03 -6.28 12.43
CA ALA B 29 27.04 -5.47 11.75
C ALA B 29 26.33 -4.60 10.69
N PHE B 30 25.31 -3.90 11.15
CA PHE B 30 24.43 -3.03 10.38
C PHE B 30 23.77 -1.99 11.33
N GLY B 31 23.49 -2.40 12.56
CA GLY B 31 22.89 -1.54 13.58
C GLY B 31 22.61 -2.23 14.91
N THR B 32 21.90 -1.50 15.80
CA THR B 32 21.52 -2.00 17.13
C THR B 32 20.06 -1.65 17.38
N VAL B 33 19.23 -2.65 17.75
CA VAL B 33 17.80 -2.43 17.97
C VAL B 33 17.39 -2.48 19.46
N TYR B 34 16.57 -1.51 19.88
CA TYR B 34 16.06 -1.40 21.25
C TYR B 34 14.53 -1.23 21.25
N LYS B 35 13.86 -1.58 22.37
CA LYS B 35 12.40 -1.43 22.51
C LYS B 35 12.07 -0.03 23.07
N GLY B 36 12.47 1.00 22.34
CA GLY B 36 12.29 2.39 22.71
C GLY B 36 10.89 2.89 23.01
N LEU B 37 10.74 4.22 23.08
CA LEU B 37 9.48 4.88 23.39
C LEU B 37 9.50 6.29 22.84
N TRP B 38 8.77 6.54 21.76
CA TRP B 38 8.75 7.86 21.16
C TRP B 38 7.47 8.61 21.53
N ILE B 39 7.62 9.79 22.14
CA ILE B 39 6.50 10.65 22.51
C ILE B 39 6.72 11.91 21.68
N PRO B 40 5.86 12.18 20.69
CA PRO B 40 6.10 13.33 19.80
C PRO B 40 6.01 14.71 20.48
N GLU B 41 6.12 15.80 19.70
CA GLU B 41 6.11 17.17 20.21
C GLU B 41 4.89 17.51 21.10
N GLY B 42 3.71 17.69 20.50
CA GLY B 42 2.50 18.02 21.25
C GLY B 42 1.69 16.83 21.70
N GLU B 43 1.84 15.71 21.00
CA GLU B 43 1.12 14.47 21.32
C GLU B 43 1.75 13.84 22.56
N LYS B 44 0.93 13.53 23.57
CA LYS B 44 1.43 12.94 24.81
C LYS B 44 1.18 11.43 24.84
N VAL B 45 1.66 10.72 23.81
CA VAL B 45 1.46 9.27 23.74
C VAL B 45 2.80 8.50 23.72
N LYS B 46 2.96 7.55 24.65
CA LYS B 46 4.15 6.72 24.74
C LYS B 46 4.09 5.63 23.66
N ILE B 47 4.57 5.94 22.46
CA ILE B 47 4.54 5.02 21.34
C ILE B 47 5.70 4.01 21.39
N PRO B 48 5.39 2.70 21.48
CA PRO B 48 6.47 1.70 21.47
C PRO B 48 7.09 1.61 20.08
N VAL B 49 8.32 2.13 19.93
CA VAL B 49 9.03 2.17 18.66
C VAL B 49 10.33 1.29 18.70
N ALA B 50 11.10 1.25 17.59
CA ALA B 50 12.36 0.52 17.54
C ALA B 50 13.41 1.43 16.92
N ILE B 51 14.60 1.51 17.54
CA ILE B 51 15.66 2.39 17.07
C ILE B 51 16.84 1.62 16.50
N LYS B 52 17.30 2.01 15.31
CA LYS B 52 18.44 1.38 14.66
C LYS B 52 19.67 2.26 14.80
N GLU B 53 20.66 1.82 15.60
CA GLU B 53 21.89 2.57 15.80
C GLU B 53 22.96 2.10 14.82
N LEU B 54 23.05 2.77 13.67
CA LEU B 54 23.99 2.47 12.58
C LEU B 54 25.47 2.62 13.01
N ARG B 55 26.40 1.85 12.41
CA ARG B 55 27.82 1.91 12.82
C ARG B 55 28.47 3.29 12.50
N GLU B 56 29.21 3.82 13.49
CA GLU B 56 29.90 5.12 13.49
C GLU B 56 30.90 5.30 12.34
N ALA B 57 30.70 6.38 11.54
CA ALA B 57 31.54 6.79 10.41
C ALA B 57 31.87 5.67 9.42
N THR B 58 30.86 4.81 9.12
CA THR B 58 30.96 3.65 8.22
C THR B 58 31.56 4.01 6.86
N SER B 59 31.14 5.16 6.33
CA SER B 59 31.59 5.65 5.03
C SER B 59 32.55 6.84 5.22
N PRO B 60 33.38 7.21 4.20
CA PRO B 60 34.22 8.41 4.33
C PRO B 60 33.39 9.69 4.52
N LYS B 61 32.11 9.67 4.05
CA LYS B 61 31.17 10.78 4.15
C LYS B 61 30.84 11.11 5.59
N ALA B 62 30.57 12.39 5.86
CA ALA B 62 30.18 12.83 7.19
C ALA B 62 28.72 12.44 7.43
N ASN B 63 28.33 12.33 8.71
CA ASN B 63 26.96 11.95 9.09
C ASN B 63 25.87 12.86 8.46
N LYS B 64 26.24 14.07 7.97
CA LYS B 64 25.29 14.96 7.30
C LYS B 64 24.97 14.40 5.90
N GLU B 65 26.01 13.98 5.17
CA GLU B 65 25.83 13.37 3.84
C GLU B 65 24.99 12.07 3.89
N ILE B 66 24.96 11.41 5.06
CA ILE B 66 24.17 10.22 5.27
C ILE B 66 22.68 10.61 5.36
N LEU B 67 22.34 11.67 6.12
CA LEU B 67 20.94 12.10 6.26
C LEU B 67 20.31 12.61 4.97
N ASP B 68 21.10 13.14 4.03
CA ASP B 68 20.58 13.59 2.73
C ASP B 68 20.29 12.37 1.85
N GLU B 69 21.20 11.38 1.87
CA GLU B 69 21.11 10.14 1.12
C GLU B 69 19.95 9.27 1.66
N ALA B 70 19.92 9.01 2.98
CA ALA B 70 18.89 8.21 3.66
C ALA B 70 17.52 8.86 3.67
N TYR B 71 17.42 10.18 3.44
CA TYR B 71 16.14 10.88 3.33
C TYR B 71 15.55 10.52 1.95
N VAL B 72 16.38 10.54 0.90
CA VAL B 72 15.96 10.11 -0.43
C VAL B 72 15.74 8.58 -0.44
N MET B 73 16.46 7.84 0.42
CA MET B 73 16.33 6.40 0.62
C MET B 73 14.98 6.08 1.25
N ALA B 74 14.53 6.93 2.19
CA ALA B 74 13.25 6.77 2.85
C ALA B 74 12.09 7.44 2.09
N SER B 75 12.35 8.07 0.91
CA SER B 75 11.28 8.64 0.06
C SER B 75 10.27 7.56 -0.40
N VAL B 76 10.61 6.28 -0.14
CA VAL B 76 9.85 5.06 -0.28
C VAL B 76 8.54 5.22 0.55
N ASP B 77 8.59 5.94 1.71
CA ASP B 77 7.43 6.27 2.54
C ASP B 77 6.30 6.87 1.72
N ASN B 78 6.64 7.63 0.68
CA ASN B 78 5.68 8.21 -0.26
C ASN B 78 5.96 7.61 -1.64
N PRO B 79 5.01 6.89 -2.26
CA PRO B 79 3.64 6.60 -1.83
C PRO B 79 3.50 5.53 -0.75
N GLY B 80 4.49 4.67 -0.60
CA GLY B 80 4.50 3.64 0.43
C GLY B 80 4.02 2.28 0.01
N ASN B 81 4.11 1.31 0.91
CA ASN B 81 3.66 -0.06 0.64
C ASN B 81 3.50 -0.79 1.95
N PRO B 82 2.40 -1.58 2.08
CA PRO B 82 2.20 -2.34 3.32
C PRO B 82 3.30 -3.34 3.68
N HIS B 83 4.09 -3.83 2.69
CA HIS B 83 5.17 -4.79 2.98
C HIS B 83 6.56 -4.21 2.85
N VAL B 84 6.71 -2.90 3.03
CA VAL B 84 8.00 -2.22 3.03
C VAL B 84 8.04 -1.37 4.29
N CYS B 85 9.04 -1.60 5.16
CA CYS B 85 9.21 -0.90 6.45
C CYS B 85 9.04 0.63 6.39
N ARG B 86 8.11 1.12 7.23
CA ARG B 86 7.75 2.53 7.37
C ARG B 86 8.61 3.17 8.43
N LEU B 87 9.33 4.24 8.08
CA LEU B 87 10.14 4.95 9.05
C LEU B 87 9.33 6.13 9.58
N LEU B 88 9.17 6.22 10.91
CA LEU B 88 8.44 7.31 11.53
C LEU B 88 9.33 8.54 11.68
N GLY B 89 10.58 8.31 12.09
CA GLY B 89 11.55 9.37 12.29
C GLY B 89 13.00 9.01 12.01
N ILE B 90 13.89 9.97 12.25
CA ILE B 90 15.34 9.86 12.03
C ILE B 90 16.06 10.86 12.97
N CYS B 91 17.15 10.41 13.66
CA CYS B 91 17.89 11.25 14.62
C CYS B 91 19.41 11.22 14.41
N LEU B 92 19.98 12.34 13.95
CA LEU B 92 21.43 12.44 13.74
C LEU B 92 22.17 12.77 15.04
N THR B 93 22.97 11.82 15.56
CA THR B 93 23.76 12.03 16.77
C THR B 93 25.16 11.32 16.54
N SER B 94 25.74 10.59 17.54
CA SER B 94 27.00 9.87 17.35
C SER B 94 26.78 8.77 16.30
N THR B 95 25.65 8.06 16.42
CA THR B 95 25.21 7.05 15.48
C THR B 95 23.90 7.57 14.89
N VAL B 96 23.75 7.54 13.56
CA VAL B 96 22.51 7.99 12.93
C VAL B 96 21.41 6.98 13.32
N GLN B 97 20.35 7.47 13.97
CA GLN B 97 19.31 6.59 14.48
C GLN B 97 18.03 6.54 13.63
N LEU B 98 17.58 5.32 13.30
CA LEU B 98 16.37 5.12 12.50
C LEU B 98 15.22 4.71 13.40
N ILE B 99 14.16 5.52 13.45
CA ILE B 99 13.00 5.20 14.28
C ILE B 99 11.85 4.69 13.43
N THR B 100 11.34 3.52 13.80
CA THR B 100 10.24 2.85 13.12
C THR B 100 9.21 2.35 14.18
N GLN B 101 8.08 1.77 13.75
CA GLN B 101 7.08 1.18 14.64
C GLN B 101 7.68 -0.09 15.33
N LEU B 102 7.11 -0.52 16.46
CA LEU B 102 7.59 -1.73 17.14
C LEU B 102 7.05 -2.99 16.46
N MET B 103 7.91 -3.96 16.20
CA MET B 103 7.52 -5.26 15.67
C MET B 103 7.91 -6.20 16.81
N PRO B 104 6.96 -6.51 17.70
CA PRO B 104 7.27 -7.37 18.85
C PRO B 104 7.62 -8.80 18.43
N PHE B 105 7.07 -9.27 17.30
CA PHE B 105 7.37 -10.59 16.77
C PHE B 105 8.82 -10.69 16.27
N GLY B 106 9.39 -9.57 15.81
CA GLY B 106 10.76 -9.52 15.35
C GLY B 106 10.89 -9.72 13.86
N CYS B 107 11.64 -10.76 13.44
CA CYS B 107 11.83 -11.09 12.04
C CYS B 107 11.28 -12.48 11.70
N LEU B 108 11.09 -12.75 10.40
CA LEU B 108 10.60 -14.05 9.91
C LEU B 108 11.66 -15.15 9.98
N LEU B 109 12.94 -14.79 10.15
CA LEU B 109 14.01 -15.77 10.26
C LEU B 109 13.82 -16.62 11.53
N ASP B 110 13.62 -15.99 12.71
CA ASP B 110 13.43 -16.69 13.98
C ASP B 110 12.04 -17.31 14.10
N TYR B 111 11.04 -16.65 13.54
CA TYR B 111 9.66 -17.12 13.61
C TYR B 111 9.45 -18.47 12.89
N VAL B 112 10.09 -18.68 11.71
CA VAL B 112 9.94 -19.98 11.01
C VAL B 112 10.70 -21.12 11.72
N ARG B 113 11.71 -20.78 12.55
CA ARG B 113 12.46 -21.75 13.31
C ARG B 113 11.67 -22.12 14.58
N GLU B 114 11.23 -21.08 15.35
CA GLU B 114 10.49 -21.26 16.59
C GLU B 114 9.15 -21.95 16.37
N HIS B 115 8.50 -21.67 15.23
CA HIS B 115 7.21 -22.28 14.93
C HIS B 115 7.34 -23.33 13.82
N LYS B 116 8.35 -24.22 13.91
CA LYS B 116 8.59 -25.25 12.91
C LYS B 116 7.36 -26.15 12.65
N ASP B 117 6.85 -26.81 13.68
CA ASP B 117 5.70 -27.72 13.54
C ASP B 117 4.35 -27.01 13.71
N ASN B 118 4.32 -25.68 13.55
CA ASN B 118 3.11 -24.89 13.75
C ASN B 118 2.67 -24.13 12.50
N ILE B 119 3.62 -23.77 11.62
CA ILE B 119 3.32 -23.02 10.40
C ILE B 119 2.79 -23.93 9.28
N GLY B 120 1.68 -23.52 8.67
CA GLY B 120 1.07 -24.27 7.57
C GLY B 120 1.47 -23.75 6.21
N SER B 121 1.11 -24.48 5.16
CA SER B 121 1.46 -24.09 3.80
C SER B 121 0.91 -22.74 3.36
N GLN B 122 -0.28 -22.36 3.85
CA GLN B 122 -0.96 -21.12 3.52
C GLN B 122 -0.17 -19.91 4.03
N TYR B 123 0.45 -20.03 5.20
CA TYR B 123 1.26 -18.93 5.75
C TYR B 123 2.56 -18.78 4.98
N LEU B 124 3.17 -19.90 4.60
CA LEU B 124 4.43 -19.89 3.85
C LEU B 124 4.24 -19.20 2.51
N LEU B 125 3.30 -19.68 1.68
CA LEU B 125 3.03 -19.08 0.37
C LEU B 125 2.68 -17.61 0.48
N ASN B 126 1.82 -17.25 1.44
CA ASN B 126 1.48 -15.86 1.65
C ASN B 126 2.54 -15.04 2.40
N TRP B 127 3.78 -15.53 2.42
CA TRP B 127 4.91 -14.80 2.94
C TRP B 127 5.74 -14.40 1.74
N CYS B 128 6.01 -15.34 0.82
CA CYS B 128 6.66 -15.02 -0.44
C CYS B 128 5.73 -14.11 -1.29
N VAL B 129 4.40 -14.19 -1.09
CA VAL B 129 3.43 -13.32 -1.76
C VAL B 129 3.70 -11.88 -1.32
N GLN B 130 3.87 -11.65 -0.02
CA GLN B 130 4.11 -10.32 0.55
C GLN B 130 5.52 -9.80 0.30
N ILE B 131 6.50 -10.69 0.25
CA ILE B 131 7.87 -10.28 -0.07
C ILE B 131 7.95 -9.91 -1.55
N ALA B 132 7.24 -10.64 -2.43
CA ALA B 132 7.22 -10.29 -3.86
C ALA B 132 6.43 -8.98 -4.08
N LYS B 133 5.37 -8.75 -3.29
CA LYS B 133 4.54 -7.54 -3.37
C LYS B 133 5.35 -6.32 -2.89
N GLY B 134 6.09 -6.50 -1.80
CA GLY B 134 6.91 -5.45 -1.22
C GLY B 134 8.18 -5.20 -1.99
N MET B 135 8.73 -6.23 -2.62
CA MET B 135 9.94 -6.10 -3.42
C MET B 135 9.65 -5.45 -4.76
N ASN B 136 8.50 -5.80 -5.37
CA ASN B 136 8.06 -5.23 -6.63
C ASN B 136 7.93 -3.71 -6.50
N TYR B 137 7.45 -3.23 -5.35
CA TYR B 137 7.30 -1.82 -5.05
C TYR B 137 8.66 -1.11 -5.17
N LEU B 138 9.67 -1.64 -4.50
CA LEU B 138 11.03 -1.11 -4.56
C LEU B 138 11.66 -1.21 -5.94
N GLU B 139 11.16 -2.10 -6.82
CA GLU B 139 11.64 -2.17 -8.19
C GLU B 139 11.08 -0.96 -8.93
N ASP B 140 9.78 -0.67 -8.76
CA ASP B 140 9.12 0.52 -9.32
C ASP B 140 9.70 1.81 -8.68
N ARG B 141 10.20 1.72 -7.43
CA ARG B 141 10.84 2.81 -6.72
C ARG B 141 12.36 2.88 -6.93
N ARG B 142 12.90 2.01 -7.81
CA ARG B 142 14.29 1.92 -8.24
C ARG B 142 15.34 1.66 -7.12
N LEU B 143 14.90 1.56 -5.85
CA LEU B 143 15.76 1.25 -4.71
C LEU B 143 16.04 -0.25 -4.68
N VAL B 144 17.32 -0.67 -4.73
CA VAL B 144 17.69 -2.08 -4.67
C VAL B 144 17.96 -2.42 -3.20
N HIS B 145 17.31 -3.47 -2.67
CA HIS B 145 17.45 -3.89 -1.28
C HIS B 145 18.89 -4.26 -0.93
N ARG B 146 19.57 -5.00 -1.83
CA ARG B 146 20.97 -5.46 -1.73
C ARG B 146 21.26 -6.44 -0.60
N ASP B 147 20.32 -6.69 0.30
CA ASP B 147 20.55 -7.64 1.40
C ASP B 147 19.27 -8.37 1.73
N LEU B 148 18.60 -8.93 0.71
CA LEU B 148 17.37 -9.66 0.95
C LEU B 148 17.67 -11.00 1.60
N ALA B 149 17.03 -11.25 2.74
CA ALA B 149 17.13 -12.47 3.54
C ALA B 149 15.91 -12.56 4.44
N ALA B 150 15.56 -13.75 4.93
CA ALA B 150 14.41 -13.93 5.82
C ALA B 150 14.55 -13.14 7.15
N ARG B 151 15.80 -12.78 7.52
CA ARG B 151 16.10 -11.96 8.70
C ARG B 151 15.77 -10.50 8.40
N ASN B 152 15.99 -10.05 7.15
CA ASN B 152 15.65 -8.71 6.71
C ASN B 152 14.16 -8.56 6.33
N VAL B 153 13.32 -9.52 6.74
CA VAL B 153 11.89 -9.50 6.56
C VAL B 153 11.34 -9.61 7.96
N LEU B 154 10.76 -8.52 8.47
CA LEU B 154 10.18 -8.44 9.81
C LEU B 154 8.73 -8.92 9.87
N VAL B 155 8.17 -9.04 11.09
CA VAL B 155 6.81 -9.52 11.30
C VAL B 155 5.97 -8.53 12.15
N LYS B 156 4.89 -7.96 11.57
CA LYS B 156 3.97 -7.07 12.31
C LYS B 156 2.93 -7.94 13.02
N THR B 157 2.41 -8.96 12.31
CA THR B 157 1.48 -9.99 12.76
C THR B 157 2.00 -11.33 12.18
N PRO B 158 1.59 -12.51 12.70
CA PRO B 158 2.03 -13.77 12.09
C PRO B 158 1.59 -13.93 10.63
N GLN B 159 0.65 -13.10 10.15
CA GLN B 159 0.16 -13.08 8.77
C GLN B 159 0.52 -11.79 8.01
N HIS B 160 1.35 -10.92 8.59
CA HIS B 160 1.79 -9.71 7.93
C HIS B 160 3.27 -9.63 8.10
N VAL B 161 4.00 -9.55 6.98
CA VAL B 161 5.45 -9.42 7.02
C VAL B 161 5.91 -8.13 6.31
N LYS B 162 7.04 -7.55 6.72
CA LYS B 162 7.54 -6.32 6.11
C LYS B 162 9.01 -6.44 5.71
N ILE B 163 9.46 -5.75 4.64
CA ILE B 163 10.87 -5.81 4.23
C ILE B 163 11.63 -4.62 4.83
N THR B 164 12.80 -4.88 5.44
CA THR B 164 13.60 -3.83 6.09
C THR B 164 15.06 -3.77 5.65
N ASP B 165 15.80 -2.70 6.04
CA ASP B 165 17.21 -2.46 5.75
C ASP B 165 17.52 -2.42 4.25
N PHE B 166 16.53 -2.03 3.46
CA PHE B 166 16.57 -1.88 2.02
C PHE B 166 17.39 -0.65 1.70
N GLY B 167 18.34 -0.81 0.80
CA GLY B 167 19.24 0.29 0.45
C GLY B 167 20.30 0.55 1.51
N LEU B 168 20.06 0.07 2.76
CA LEU B 168 20.94 0.24 3.92
C LEU B 168 22.31 -0.41 3.72
N ALA B 169 22.36 -1.51 2.93
CA ALA B 169 23.61 -2.20 2.60
C ALA B 169 24.46 -1.27 1.72
N LYS B 170 23.84 -0.56 0.76
CA LYS B 170 24.54 0.39 -0.08
C LYS B 170 24.87 1.67 0.69
N LEU B 171 23.95 2.09 1.57
CA LEU B 171 23.99 3.29 2.42
C LEU B 171 25.30 3.43 3.20
N LEU B 172 25.64 2.45 4.04
CA LEU B 172 26.82 2.55 4.87
C LEU B 172 28.00 1.69 4.38
N GLY B 173 28.86 2.31 3.58
CA GLY B 173 30.06 1.67 3.04
C GLY B 173 31.25 2.63 2.93
N VAL B 186 29.36 -9.30 4.29
CA VAL B 186 28.48 -9.27 3.13
C VAL B 186 28.00 -10.69 2.79
N PRO B 187 26.68 -10.90 2.62
CA PRO B 187 26.18 -12.27 2.39
C PRO B 187 26.42 -12.83 0.99
N ILE B 188 27.65 -13.31 0.73
CA ILE B 188 28.03 -13.95 -0.55
C ILE B 188 27.09 -15.13 -0.84
N LYS B 189 26.73 -15.91 0.21
CA LYS B 189 25.81 -17.02 0.10
C LYS B 189 24.44 -16.62 -0.48
N TRP B 190 23.87 -15.51 0.02
CA TRP B 190 22.57 -14.97 -0.43
C TRP B 190 22.66 -14.23 -1.76
N MET B 191 23.85 -13.68 -2.08
CA MET B 191 24.12 -12.89 -3.27
C MET B 191 24.07 -13.64 -4.58
N ALA B 192 23.71 -12.93 -5.64
CA ALA B 192 23.72 -13.52 -6.98
C ALA B 192 25.15 -13.55 -7.50
N LEU B 193 25.47 -14.50 -8.39
CA LEU B 193 26.80 -14.64 -8.99
C LEU B 193 27.36 -13.31 -9.54
N GLU B 194 26.55 -12.52 -10.25
CA GLU B 194 27.02 -11.25 -10.82
C GLU B 194 27.31 -10.17 -9.77
N SER B 195 26.84 -10.36 -8.52
CA SER B 195 27.13 -9.46 -7.40
C SER B 195 28.47 -9.86 -6.75
N ILE B 196 28.73 -11.16 -6.68
CA ILE B 196 29.96 -11.74 -6.11
C ILE B 196 31.12 -11.49 -7.10
N LEU B 197 30.86 -11.73 -8.39
CA LEU B 197 31.88 -11.58 -9.40
C LEU B 197 32.08 -10.17 -9.90
N HIS B 198 30.99 -9.46 -10.26
CA HIS B 198 31.15 -8.12 -10.84
C HIS B 198 30.68 -6.94 -9.98
N ARG B 199 30.34 -7.20 -8.69
CA ARG B 199 29.87 -6.18 -7.75
C ARG B 199 28.60 -5.44 -8.21
N ILE B 200 27.83 -6.05 -9.13
CA ILE B 200 26.61 -5.42 -9.65
C ILE B 200 25.45 -5.73 -8.71
N TYR B 201 24.59 -4.76 -8.47
CA TYR B 201 23.42 -4.97 -7.65
C TYR B 201 22.22 -4.33 -8.32
N THR B 202 21.54 -5.07 -9.20
CA THR B 202 20.36 -4.57 -9.90
C THR B 202 19.06 -5.15 -9.29
N HIS B 203 17.86 -4.77 -9.80
CA HIS B 203 16.62 -5.34 -9.30
C HIS B 203 16.50 -6.82 -9.63
N GLN B 204 17.13 -7.28 -10.74
CA GLN B 204 17.13 -8.70 -11.09
C GLN B 204 18.00 -9.51 -10.17
N SER B 205 19.07 -8.90 -9.62
CA SER B 205 19.95 -9.54 -8.63
C SER B 205 19.17 -9.79 -7.32
N ASP B 206 18.22 -8.90 -7.00
CA ASP B 206 17.36 -9.03 -5.82
C ASP B 206 16.46 -10.27 -5.90
N VAL B 207 16.15 -10.73 -7.13
CA VAL B 207 15.37 -11.95 -7.34
C VAL B 207 16.17 -13.18 -6.91
N TRP B 208 17.51 -13.15 -7.05
CA TRP B 208 18.35 -14.25 -6.62
C TRP B 208 18.23 -14.41 -5.09
N SER B 209 18.46 -13.33 -4.35
CA SER B 209 18.36 -13.34 -2.89
C SER B 209 16.93 -13.68 -2.43
N TYR B 210 15.92 -13.31 -3.24
CA TYR B 210 14.52 -13.60 -2.98
C TYR B 210 14.32 -15.10 -3.02
N GLY B 211 14.85 -15.77 -4.05
CA GLY B 211 14.76 -17.22 -4.19
C GLY B 211 15.37 -17.95 -3.00
N VAL B 212 16.52 -17.44 -2.52
CA VAL B 212 17.25 -17.96 -1.36
C VAL B 212 16.40 -17.78 -0.09
N THR B 213 15.74 -16.62 0.02
CA THR B 213 14.84 -16.23 1.11
C THR B 213 13.67 -17.21 1.18
N VAL B 214 13.11 -17.58 0.01
CA VAL B 214 12.01 -18.54 -0.07
C VAL B 214 12.49 -19.90 0.45
N TRP B 215 13.71 -20.31 0.08
CA TRP B 215 14.31 -21.56 0.56
C TRP B 215 14.46 -21.55 2.08
N GLU B 216 14.93 -20.41 2.65
CA GLU B 216 15.09 -20.25 4.10
C GLU B 216 13.76 -20.52 4.82
N LEU B 217 12.66 -20.04 4.24
CA LEU B 217 11.34 -20.24 4.82
C LEU B 217 10.88 -21.68 4.63
N MET B 218 10.94 -22.20 3.39
CA MET B 218 10.52 -23.57 3.06
C MET B 218 11.31 -24.64 3.81
N THR B 219 12.45 -24.28 4.42
CA THR B 219 13.27 -25.19 5.21
C THR B 219 13.06 -25.04 6.73
N PHE B 220 12.28 -24.03 7.16
CA PHE B 220 11.95 -23.70 8.55
C PHE B 220 13.14 -23.06 9.28
N GLY B 221 13.89 -22.23 8.55
CA GLY B 221 15.01 -21.46 9.08
C GLY B 221 16.39 -22.01 8.80
N SER B 222 16.50 -22.95 7.86
CA SER B 222 17.77 -23.57 7.53
C SER B 222 18.84 -22.62 7.01
N LYS B 223 20.11 -22.95 7.29
CA LYS B 223 21.26 -22.16 6.84
C LYS B 223 21.59 -22.59 5.42
N PRO B 224 21.73 -21.63 4.48
CA PRO B 224 22.00 -22.00 3.08
C PRO B 224 23.42 -22.52 2.83
N TYR B 225 23.55 -23.57 2.00
CA TYR B 225 24.83 -24.18 1.63
C TYR B 225 25.68 -24.51 2.86
N ASP B 226 25.05 -25.13 3.88
CA ASP B 226 25.68 -25.47 5.15
C ASP B 226 27.01 -26.20 5.02
N GLY B 227 28.07 -25.60 5.57
CA GLY B 227 29.40 -26.18 5.53
C GLY B 227 30.28 -25.73 4.39
N ILE B 228 29.65 -25.21 3.32
CA ILE B 228 30.39 -24.71 2.17
C ILE B 228 30.80 -23.28 2.47
N PRO B 229 32.10 -22.99 2.62
CA PRO B 229 32.52 -21.61 2.93
C PRO B 229 32.03 -20.60 1.91
N ALA B 230 31.72 -19.38 2.36
CA ALA B 230 31.25 -18.28 1.50
C ALA B 230 32.17 -18.06 0.29
N SER B 231 33.46 -18.29 0.49
CA SER B 231 34.48 -18.18 -0.53
C SER B 231 34.25 -19.18 -1.68
N GLU B 232 33.93 -20.45 -1.33
CA GLU B 232 33.67 -21.53 -2.29
C GLU B 232 32.44 -21.30 -3.18
N ILE B 233 31.37 -20.75 -2.60
CA ILE B 233 30.07 -20.44 -3.21
C ILE B 233 30.14 -20.04 -4.69
N SER B 234 31.05 -19.12 -5.06
CA SER B 234 31.21 -18.63 -6.43
C SER B 234 31.44 -19.75 -7.45
N SER B 235 32.28 -20.73 -7.11
CA SER B 235 32.56 -21.86 -7.99
C SER B 235 31.48 -22.95 -7.88
N ILE B 236 30.83 -23.07 -6.72
CA ILE B 236 29.71 -23.97 -6.46
C ILE B 236 28.56 -23.62 -7.42
N LEU B 237 28.31 -22.33 -7.63
CA LEU B 237 27.27 -21.87 -8.54
C LEU B 237 27.64 -22.18 -9.98
N GLU B 238 28.89 -21.91 -10.40
CA GLU B 238 29.34 -22.20 -11.77
C GLU B 238 29.17 -23.68 -12.13
N LYS B 239 29.41 -24.58 -11.15
CA LYS B 239 29.24 -26.02 -11.30
C LYS B 239 27.76 -26.45 -11.47
N GLY B 240 26.83 -25.51 -11.46
CA GLY B 240 25.42 -25.81 -11.56
C GLY B 240 24.77 -26.21 -10.25
N GLU B 241 25.54 -26.22 -9.15
CA GLU B 241 25.02 -26.59 -7.84
C GLU B 241 24.27 -25.42 -7.22
N ARG B 242 23.03 -25.68 -6.81
CA ARG B 242 22.14 -24.71 -6.15
C ARG B 242 21.55 -25.31 -4.87
N LEU B 243 20.84 -24.50 -4.06
CA LEU B 243 20.21 -24.94 -2.80
C LEU B 243 19.36 -26.19 -2.99
N PRO B 244 19.36 -27.11 -2.01
CA PRO B 244 18.58 -28.33 -2.16
C PRO B 244 17.08 -28.08 -2.06
N GLN B 245 16.30 -28.92 -2.74
CA GLN B 245 14.85 -28.81 -2.76
C GLN B 245 14.32 -29.19 -1.39
N PRO B 246 13.65 -28.25 -0.71
CA PRO B 246 13.13 -28.56 0.63
C PRO B 246 12.15 -29.73 0.63
N PRO B 247 12.13 -30.52 1.71
CA PRO B 247 11.23 -31.68 1.75
C PRO B 247 9.76 -31.34 1.55
N ILE B 248 9.29 -30.21 2.13
CA ILE B 248 7.89 -29.79 1.95
C ILE B 248 7.61 -29.22 0.53
N CYS B 249 8.65 -28.89 -0.23
CA CYS B 249 8.51 -28.31 -1.56
C CYS B 249 8.15 -29.28 -2.63
N THR B 250 7.12 -28.94 -3.39
CA THR B 250 6.75 -29.69 -4.57
C THR B 250 7.67 -29.17 -5.69
N ILE B 251 7.80 -29.95 -6.77
CA ILE B 251 8.67 -29.54 -7.86
C ILE B 251 8.17 -28.25 -8.54
N ASP B 252 6.86 -27.95 -8.47
CA ASP B 252 6.33 -26.71 -9.03
C ASP B 252 6.83 -25.48 -8.26
N VAL B 253 7.04 -25.61 -6.94
CA VAL B 253 7.57 -24.53 -6.11
C VAL B 253 9.09 -24.45 -6.22
N TYR B 254 9.77 -25.61 -6.18
CA TYR B 254 11.23 -25.63 -6.34
C TYR B 254 11.64 -25.10 -7.71
N MET B 255 10.79 -25.25 -8.74
CA MET B 255 11.08 -24.70 -10.05
C MET B 255 11.11 -23.17 -10.02
N ILE B 256 10.07 -22.52 -9.45
CA ILE B 256 10.03 -21.06 -9.29
C ILE B 256 11.26 -20.58 -8.49
N MET B 257 11.72 -21.37 -7.50
CA MET B 257 12.88 -21.07 -6.69
C MET B 257 14.15 -21.15 -7.51
N ARG B 258 14.24 -22.16 -8.39
CA ARG B 258 15.41 -22.42 -9.24
C ARG B 258 15.55 -21.35 -10.31
N LYS B 259 14.43 -20.90 -10.89
CA LYS B 259 14.43 -19.84 -11.90
C LYS B 259 15.06 -18.57 -11.35
N CYS B 260 14.91 -18.29 -10.04
CA CYS B 260 15.52 -17.14 -9.39
C CYS B 260 17.06 -17.20 -9.34
N TRP B 261 17.67 -18.37 -9.67
CA TRP B 261 19.12 -18.48 -9.64
C TRP B 261 19.70 -18.80 -11.01
N MET B 262 19.10 -18.24 -12.07
CA MET B 262 19.60 -18.41 -13.43
C MET B 262 20.88 -17.61 -13.62
N ILE B 263 21.72 -17.99 -14.61
CA ILE B 263 22.95 -17.24 -14.87
C ILE B 263 22.64 -15.88 -15.50
N ASP B 264 21.83 -15.88 -16.59
CA ASP B 264 21.43 -14.65 -17.26
C ASP B 264 20.47 -13.94 -16.34
N ALA B 265 20.91 -12.82 -15.76
CA ALA B 265 20.12 -12.02 -14.83
C ALA B 265 18.79 -11.59 -15.44
N ASP B 266 18.80 -11.27 -16.74
CA ASP B 266 17.58 -10.85 -17.44
C ASP B 266 16.58 -11.99 -17.58
N SER B 267 17.06 -13.23 -17.70
CA SER B 267 16.20 -14.40 -17.82
C SER B 267 15.53 -14.80 -16.51
N ARG B 268 15.98 -14.27 -15.36
CA ARG B 268 15.35 -14.58 -14.07
C ARG B 268 13.95 -13.97 -14.00
N PRO B 269 13.01 -14.64 -13.30
CA PRO B 269 11.64 -14.11 -13.23
C PRO B 269 11.56 -12.79 -12.49
N LYS B 270 10.89 -11.78 -13.05
CA LYS B 270 10.73 -10.47 -12.39
C LYS B 270 9.82 -10.57 -11.16
N PHE B 271 9.87 -9.58 -10.25
CA PHE B 271 9.04 -9.63 -9.03
C PHE B 271 7.53 -9.73 -9.33
N ARG B 272 7.05 -8.98 -10.34
CA ARG B 272 5.65 -8.98 -10.79
C ARG B 272 5.15 -10.40 -11.08
N GLU B 273 5.98 -11.21 -11.74
CA GLU B 273 5.67 -12.60 -12.08
C GLU B 273 5.57 -13.46 -10.84
N LEU B 274 6.52 -13.28 -9.91
CA LEU B 274 6.57 -14.02 -8.66
C LEU B 274 5.30 -13.76 -7.84
N ILE B 275 4.76 -12.52 -7.88
CA ILE B 275 3.55 -12.16 -7.14
C ILE B 275 2.37 -12.97 -7.67
N ILE B 276 2.25 -13.05 -8.99
CA ILE B 276 1.18 -13.78 -9.65
C ILE B 276 1.32 -15.27 -9.40
N GLU B 277 2.52 -15.85 -9.59
CA GLU B 277 2.70 -17.29 -9.36
C GLU B 277 2.56 -17.70 -7.90
N PHE B 278 3.04 -16.88 -6.96
CA PHE B 278 2.86 -17.21 -5.54
C PHE B 278 1.42 -17.01 -5.11
N SER B 279 0.70 -16.05 -5.71
CA SER B 279 -0.73 -15.86 -5.41
C SER B 279 -1.58 -16.98 -6.04
N LYS B 280 -1.11 -17.53 -7.17
CA LYS B 280 -1.69 -18.66 -7.90
C LYS B 280 -1.59 -19.90 -7.00
N MET B 281 -0.43 -20.09 -6.36
CA MET B 281 -0.17 -21.19 -5.43
C MET B 281 -0.81 -20.95 -4.06
N ALA B 282 -1.04 -19.68 -3.67
CA ALA B 282 -1.69 -19.33 -2.41
C ALA B 282 -3.14 -19.83 -2.42
N ARG B 283 -3.82 -19.74 -3.59
CA ARG B 283 -5.19 -20.22 -3.77
C ARG B 283 -5.30 -21.76 -3.65
N ASP B 284 -4.21 -22.49 -3.90
CA ASP B 284 -4.17 -23.95 -3.76
C ASP B 284 -3.01 -24.26 -2.79
N PRO B 285 -3.21 -24.08 -1.47
CA PRO B 285 -2.08 -24.22 -0.53
C PRO B 285 -1.39 -25.59 -0.47
N GLN B 286 -2.09 -26.67 -0.08
CA GLN B 286 -1.44 -27.98 0.06
C GLN B 286 -1.12 -28.69 -1.25
N ARG B 287 -1.66 -28.21 -2.39
CA ARG B 287 -1.33 -28.80 -3.69
C ARG B 287 0.13 -28.46 -4.08
N TYR B 288 0.64 -27.31 -3.62
CA TYR B 288 2.01 -26.91 -3.92
C TYR B 288 2.99 -27.13 -2.76
N LEU B 289 2.54 -27.66 -1.61
CA LEU B 289 3.41 -27.95 -0.46
C LEU B 289 2.94 -29.20 0.30
N VAL B 290 3.86 -29.89 1.00
CA VAL B 290 3.55 -31.11 1.75
C VAL B 290 3.82 -30.96 3.24
N ILE B 291 2.78 -30.87 4.09
CA ILE B 291 2.98 -30.72 5.54
C ILE B 291 2.14 -31.73 6.36
N GLN B 292 2.76 -32.37 7.35
CA GLN B 292 2.06 -33.30 8.23
C GLN B 292 1.23 -32.49 9.23
N GLY B 293 -0.03 -32.25 8.90
CA GLY B 293 -0.94 -31.48 9.73
C GLY B 293 -1.37 -30.18 9.09
N ASP B 294 -2.51 -30.21 8.38
CA ASP B 294 -3.03 -29.03 7.71
C ASP B 294 -4.56 -29.04 7.64
C1 A1H7O C . -22.78 2.48 -1.97
C2 A1H7O C . -22.28 3.19 -3.20
C3 A1H7O C . -20.76 3.13 -5.14
C7 A1H7O C . -18.78 -1.40 -8.63
C8 A1H7O C . -18.07 -1.89 -9.71
C9 A1H7O C . -17.03 -1.16 -10.26
C10 A1H7O C . -16.68 0.07 -9.73
C11 A1H7O C . -15.60 0.91 -10.23
C12 A1H7O C . -14.74 0.71 -11.21
C13 A1H7O C . -13.72 1.69 -11.53
C14 A1H7O C . -12.05 2.51 -12.60
C15 A1H7O C . -12.47 3.36 -11.66
C16 A1H7O C . -10.98 2.45 -13.65
C19 A1H7O C . -17.38 0.55 -8.63
C20 A1H7O C . -20.14 0.89 -5.00
C21 A1H7O C . -20.83 1.21 -3.71
C22 A1H7O C . -19.27 -1.46 -5.25
C24 A1H7O C . -17.87 -3.36 -4.94
O A1H7O C . -22.67 4.31 -3.47
C A1H7O C . -22.89 3.43 -0.78
N A1H7O C . -21.35 2.55 -3.95
C4 A1H7O C . -20.11 1.99 -5.80
N3 A1H7O C . -19.48 -0.11 -5.72
C26 A1H7O C . -20.30 -2.19 -4.68
C25 A1H7O C . -20.05 -3.47 -4.26
N4 A1H7O C . -18.86 -4.07 -4.38
C23 A1H7O C . -18.03 -2.06 -5.37
C5 A1H7O C . -19.13 0.44 -6.93
N1 A1H7O C . -19.48 1.72 -6.98
C6 A1H7O C . -18.39 -0.20 -8.04
N2 A1H7O C . -13.53 2.83 -10.98
O1 A1H7O C . -12.85 1.39 -12.53
C18 A1H7O C . -9.93 3.53 -13.63
C17 A1H7O C . -10.95 3.53 -14.70
C1 A1H7O D . 16.32 -10.19 12.67
C2 A1H7O D . 15.38 -9.46 13.61
C3 A1H7O D . 16.12 -7.31 12.56
C7 A1H7O D . 14.67 -1.48 13.39
C8 A1H7O D . 14.70 -0.14 13.03
C9 A1H7O D . 14.94 0.22 11.72
C10 A1H7O D . 15.15 -0.74 10.74
C11 A1H7O D . 15.38 -0.40 9.33
C12 A1H7O D . 15.57 0.80 8.77
C13 A1H7O D . 15.77 0.95 7.34
C14 A1H7O D . 16.15 1.99 5.48
C15 A1H7O D . 15.94 0.68 5.27
C16 A1H7O D . 16.42 3.18 4.65
C19 A1H7O D . 15.11 -2.09 11.11
C20 A1H7O D . 14.58 -5.93 13.63
C21 A1H7O D . 14.44 -7.28 14.28
C22 A1H7O D . 13.02 -4.18 14.50
C24 A1H7O D . 10.90 -3.13 14.78
O A1H7O D . 14.70 -10.07 14.43
C A1H7O D . 15.98 -11.66 12.50
N A1H7O D . 15.33 -8.12 13.48
C4 A1H7O D . 15.56 -5.95 12.69
N3 A1H7O D . 14.12 -4.61 13.67
C26 A1H7O D . 12.81 -4.78 15.74
C25 A1H7O D . 11.68 -4.44 16.47
N4 A1H7O D . 10.73 -3.63 16.01
C23 A1H7O D . 11.99 -3.42 13.98
C5 A1H7O D . 14.85 -3.91 12.72
N1 A1H7O D . 15.73 -4.70 12.14
C6 A1H7O D . 14.78 -2.47 12.41
N2 A1H7O D . 15.72 0.04 6.46
O1 A1H7O D . 16.03 2.19 6.84
C18 A1H7O D . 16.27 4.56 5.22
C17 A1H7O D . 15.24 4.03 4.29
#